data_7UYU
#
_entry.id   7UYU
#
_cell.length_a   36.174
_cell.length_b   74.117
_cell.length_c   104.788
_cell.angle_alpha   90.000
_cell.angle_beta   90.000
_cell.angle_gamma   90.000
#
_symmetry.space_group_name_H-M   'P 21 21 21'
#
loop_
_entity.id
_entity.type
_entity.pdbx_description
1 polymer 'Non-receptor tyrosine-protein kinase TYK2'
2 non-polymer 2-(2,6-difluorophenyl)-4-[4-(pyrrolidine-1-carbonyl)anilino]-5H-pyrrolo[3,4-b]pyridin-5-one
3 non-polymer 'SULFATE ION'
4 water water
#
_entity_poly.entity_id   1
_entity_poly.type   'polypeptide(L)'
_entity_poly.pdbx_seq_one_letter_code
;PTVFHKRYLKKIRDLGEGHFGKVSLYCYDPTNDGTGEMVAVKALKADCGPQHRSGWKQEIDILRTLYHEHIIKYKGCCED
QGEKSLQLVMEYVPLGSLRDYLPRHSIGLAQLLLFAQQICEGMAYLHAQHYIHRDLAARNVLLDNDRLVKIGDFGLAKAV
PEGHE(PTR)(PTR)RVREDGDSPVFWYAPECLKEYKFYYASDVWSFGVTLYELLTHCDSSQSPPTKFLELIGIAQGQMT
VLRLTELLERGERLPRPDKCPCEVYHLMKNCWETEASFRPTFENLIPILKTVHEKYQ
;
_entity_poly.pdbx_strand_id   A
#
loop_
_chem_comp.id
_chem_comp.type
_chem_comp.name
_chem_comp.formula
OV0 non-polymer 2-(2,6-difluorophenyl)-4-[4-(pyrrolidine-1-carbonyl)anilino]-5H-pyrrolo[3,4-b]pyridin-5-one 'C24 H18 F2 N4 O2'
SO4 non-polymer 'SULFATE ION' 'O4 S -2'
#
# COMPACT_ATOMS: atom_id res chain seq x y z
N PRO A 1 24.43 -8.51 14.32
CA PRO A 1 23.98 -7.28 13.64
C PRO A 1 22.49 -7.23 13.27
N THR A 2 21.93 -8.36 12.86
CA THR A 2 20.47 -8.50 12.69
C THR A 2 19.71 -8.42 14.02
N VAL A 3 20.35 -8.79 15.13
CA VAL A 3 19.70 -8.83 16.45
C VAL A 3 19.79 -7.46 17.13
N PHE A 4 18.64 -6.93 17.55
CA PHE A 4 18.53 -5.78 18.45
C PHE A 4 18.25 -6.29 19.88
N HIS A 5 18.77 -5.60 20.89
CA HIS A 5 18.56 -5.98 22.30
C HIS A 5 17.61 -5.04 23.02
N LYS A 6 16.70 -5.61 23.82
CA LYS A 6 15.66 -4.87 24.54
C LYS A 6 16.20 -3.72 25.41
N ARG A 7 17.34 -3.95 26.05
CA ARG A 7 17.95 -2.99 26.99
C ARG A 7 18.45 -1.68 26.35
N TYR A 8 18.93 -1.73 25.11
CA TYR A 8 19.40 -0.53 24.40
C TYR A 8 18.32 0.14 23.50
N LEU A 9 17.09 -0.39 23.52
CA LEU A 9 15.96 0.17 22.77
C LEU A 9 15.02 0.92 23.72
N LYS A 10 14.83 2.22 23.49
CA LYS A 10 13.94 3.06 24.32
C LYS A 10 12.84 3.68 23.46
N LYS A 11 11.61 3.66 23.97
CA LYS A 11 10.43 4.11 23.22
C LYS A 11 10.32 5.63 23.22
N ILE A 12 9.94 6.19 22.08
CA ILE A 12 9.60 7.62 21.95
C ILE A 12 8.08 7.75 21.86
N ARG A 13 7.47 7.09 20.87
CA ARG A 13 6.02 7.18 20.68
C ARG A 13 5.47 6.08 19.78
N ASP A 14 4.15 5.97 19.78
CA ASP A 14 3.44 5.12 18.84
C ASP A 14 3.38 5.83 17.50
N LEU A 15 3.47 5.05 16.43
CA LEU A 15 3.36 5.52 15.07
C LEU A 15 2.00 5.15 14.47
N GLY A 16 1.57 3.91 14.66
CA GLY A 16 0.21 3.52 14.25
C GLY A 16 -0.14 2.05 14.42
N GLU A 17 -1.25 1.67 13.79
CA GLU A 17 -1.80 0.32 13.87
C GLU A 17 -1.83 -0.26 12.47
N GLY A 18 -1.03 -1.30 12.24
CA GLY A 18 -1.02 -2.03 10.96
C GLY A 18 -1.79 -3.34 11.05
N HIS A 19 -1.65 -4.16 10.01
CA HIS A 19 -2.24 -5.50 9.98
C HIS A 19 -1.45 -6.41 10.89
N PHE A 20 -2.12 -6.95 11.90
CA PHE A 20 -1.55 -7.86 12.89
C PHE A 20 -0.41 -7.24 13.72
N GLY A 21 -0.48 -5.93 13.95
CA GLY A 21 0.46 -5.28 14.85
C GLY A 21 0.49 -3.77 14.94
N LYS A 22 1.04 -3.30 16.06
CA LYS A 22 1.24 -1.87 16.31
C LYS A 22 2.65 -1.47 15.89
N VAL A 23 2.77 -0.31 15.27
CA VAL A 23 4.06 0.24 14.86
C VAL A 23 4.42 1.36 15.82
N SER A 24 5.62 1.28 16.37
CA SER A 24 6.13 2.25 17.35
C SER A 24 7.52 2.75 16.98
N LEU A 25 7.81 3.98 17.42
CA LEU A 25 9.09 4.63 17.21
C LEU A 25 9.96 4.40 18.44
N TYR A 26 11.16 3.88 18.23
CA TYR A 26 12.16 3.77 19.28
C TYR A 26 13.47 4.40 18.80
N CYS A 27 14.28 4.88 19.75
CA CYS A 27 15.69 5.21 19.48
C CYS A 27 16.50 4.02 19.98
N TYR A 28 17.34 3.46 19.11
CA TYR A 28 18.21 2.35 19.50
C TYR A 28 19.58 2.93 19.82
N ASP A 29 19.93 2.96 21.12
CA ASP A 29 21.10 3.68 21.61
C ASP A 29 21.95 2.83 22.59
N PRO A 30 22.85 1.99 22.04
CA PRO A 30 23.86 1.29 22.84
C PRO A 30 24.86 2.22 23.55
N THR A 31 25.31 3.26 22.84
CA THR A 31 26.30 4.21 23.37
C THR A 31 25.81 5.13 24.51
N ASN A 32 24.49 5.24 24.66
CA ASN A 32 23.86 6.05 25.71
C ASN A 32 24.08 7.57 25.56
N ASP A 33 24.20 8.05 24.32
CA ASP A 33 24.38 9.48 24.01
C ASP A 33 23.44 9.99 22.89
N GLY A 34 22.35 9.27 22.65
CA GLY A 34 21.42 9.55 21.54
C GLY A 34 22.02 9.70 20.14
N THR A 35 23.20 9.12 19.91
CA THR A 35 23.86 9.16 18.61
C THR A 35 23.23 8.14 17.66
N GLY A 36 22.72 7.04 18.22
CA GLY A 36 22.19 5.92 17.45
C GLY A 36 20.87 6.17 16.73
N GLU A 37 20.66 5.40 15.67
CA GLU A 37 19.58 5.61 14.71
C GLU A 37 18.22 5.40 15.34
N MET A 38 17.22 6.12 14.83
CA MET A 38 15.81 5.94 15.18
C MET A 38 15.23 4.82 14.33
N VAL A 39 14.42 3.95 14.93
CA VAL A 39 13.87 2.79 14.22
C VAL A 39 12.37 2.57 14.48
N ALA A 40 11.67 2.15 13.42
CA ALA A 40 10.27 1.76 13.53
C ALA A 40 10.24 0.29 13.92
N VAL A 41 9.47 -0.03 14.95
CA VAL A 41 9.36 -1.39 15.46
C VAL A 41 7.90 -1.78 15.45
N LYS A 42 7.60 -2.89 14.77
CA LYS A 42 6.25 -3.45 14.71
C LYS A 42 6.22 -4.72 15.53
N ALA A 43 5.19 -4.85 16.36
CA ALA A 43 5.04 -5.99 17.26
C ALA A 43 3.69 -6.66 17.05
N LEU A 44 3.67 -7.98 17.20
CA LEU A 44 2.41 -8.73 17.27
C LEU A 44 1.47 -8.14 18.33
N ARG A 53 -0.03 -14.68 15.16
CA ARG A 53 1.07 -15.55 15.60
C ARG A 53 1.64 -16.37 14.44
N SER A 54 0.77 -17.07 13.73
CA SER A 54 1.13 -17.80 12.51
C SER A 54 1.41 -16.83 11.36
N GLY A 55 0.48 -15.92 11.13
CA GLY A 55 0.63 -14.86 10.12
C GLY A 55 1.66 -13.80 10.45
N TRP A 56 1.87 -13.54 11.74
CA TRP A 56 2.89 -12.59 12.20
C TRP A 56 4.29 -13.07 11.82
N LYS A 57 4.58 -14.32 12.15
CA LYS A 57 5.84 -14.96 11.73
C LYS A 57 6.04 -14.79 10.22
N GLN A 58 4.96 -14.96 9.45
CA GLN A 58 5.01 -14.81 7.99
C GLN A 58 5.45 -13.42 7.56
N GLU A 59 4.89 -12.36 8.17
CA GLU A 59 5.35 -10.99 7.82
C GLU A 59 6.85 -10.80 8.04
N ILE A 60 7.39 -11.36 9.14
CA ILE A 60 8.84 -11.31 9.40
C ILE A 60 9.60 -12.07 8.30
N ASP A 61 9.13 -13.28 7.98
CA ASP A 61 9.77 -14.14 6.96
C ASP A 61 9.70 -13.56 5.54
N ILE A 62 8.64 -12.83 5.24
CA ILE A 62 8.48 -12.18 3.93
C ILE A 62 9.44 -11.01 3.80
N LEU A 63 9.29 -10.06 4.70
CA LEU A 63 10.07 -8.80 4.65
C LEU A 63 11.58 -9.00 4.85
N ARG A 64 11.98 -10.07 5.54
CA ARG A 64 13.40 -10.50 5.63
C ARG A 64 13.99 -10.83 4.25
N THR A 65 13.17 -11.44 3.40
CA THR A 65 13.56 -11.79 2.03
C THR A 65 13.68 -10.57 1.10
N LEU A 66 12.85 -9.55 1.32
CA LEU A 66 12.68 -8.47 0.33
C LEU A 66 13.68 -7.32 0.51
N TYR A 67 14.27 -6.90 -0.61
CA TYR A 67 15.24 -5.81 -0.65
C TYR A 67 15.01 -5.03 -1.94
N HIS A 68 14.55 -3.78 -1.81
CA HIS A 68 14.24 -2.94 -2.97
C HIS A 68 14.15 -1.46 -2.59
N GLU A 69 14.53 -0.59 -3.52
N GLU A 69 14.54 -0.60 -3.54
CA GLU A 69 14.51 0.87 -3.32
CA GLU A 69 14.48 0.87 -3.43
C GLU A 69 13.14 1.47 -2.93
C GLU A 69 13.15 1.45 -2.93
N HIS A 70 12.05 0.78 -3.25
CA HIS A 70 10.68 1.24 -2.94
C HIS A 70 9.88 0.29 -2.04
N ILE A 71 10.58 -0.60 -1.35
CA ILE A 71 10.02 -1.42 -0.29
C ILE A 71 10.70 -0.95 0.99
N ILE A 72 9.92 -0.82 2.08
CA ILE A 72 10.44 -0.40 3.38
C ILE A 72 11.60 -1.33 3.81
N LYS A 73 12.65 -0.73 4.36
CA LYS A 73 13.87 -1.48 4.67
C LYS A 73 13.70 -2.30 5.94
N TYR A 74 13.94 -3.61 5.83
CA TYR A 74 14.11 -4.48 6.99
C TYR A 74 15.48 -4.23 7.62
N LYS A 75 15.49 -3.90 8.92
CA LYS A 75 16.73 -3.72 9.67
C LYS A 75 17.10 -4.95 10.49
N GLY A 76 16.11 -5.58 11.11
CA GLY A 76 16.35 -6.74 11.98
C GLY A 76 15.16 -7.16 12.80
N CYS A 77 15.43 -8.06 13.75
CA CYS A 77 14.45 -8.58 14.70
C CYS A 77 14.90 -8.41 16.13
N CYS A 78 13.94 -8.56 17.04
CA CYS A 78 14.16 -8.37 18.47
C CYS A 78 13.27 -9.31 19.28
N GLU A 79 13.77 -9.74 20.44
CA GLU A 79 13.02 -10.57 21.37
C GLU A 79 12.03 -9.69 22.17
N ASP A 80 10.74 -10.00 22.08
CA ASP A 80 9.69 -9.25 22.80
C ASP A 80 9.59 -9.64 24.28
N LEU A 86 8.38 -12.41 18.71
CA LEU A 86 9.42 -11.51 18.18
C LEU A 86 8.85 -10.20 17.62
N GLN A 87 9.70 -9.17 17.60
CA GLN A 87 9.33 -7.86 17.07
C GLN A 87 10.13 -7.55 15.82
N LEU A 88 9.50 -6.82 14.91
CA LEU A 88 10.03 -6.52 13.59
C LEU A 88 10.59 -5.10 13.56
N VAL A 89 11.89 -4.96 13.30
CA VAL A 89 12.53 -3.64 13.30
C VAL A 89 12.78 -3.19 11.85
N MET A 90 12.29 -1.99 11.53
CA MET A 90 12.42 -1.39 10.20
C MET A 90 13.00 0.00 10.30
N GLU A 91 13.38 0.55 9.15
CA GLU A 91 13.80 1.95 9.06
C GLU A 91 12.66 2.88 9.41
N TYR A 92 13.02 4.05 9.93
CA TYR A 92 12.06 5.04 10.35
C TYR A 92 11.95 6.07 9.25
N VAL A 93 10.72 6.36 8.86
CA VAL A 93 10.43 7.31 7.80
C VAL A 93 9.48 8.34 8.41
N PRO A 94 10.02 9.44 8.97
CA PRO A 94 9.20 10.35 9.79
C PRO A 94 8.02 11.03 9.08
N LEU A 95 8.14 11.23 7.77
CA LEU A 95 7.05 11.84 6.99
C LEU A 95 5.77 10.99 6.93
N GLY A 96 5.86 9.70 7.24
CA GLY A 96 4.70 8.85 7.38
C GLY A 96 4.09 8.49 6.04
N SER A 97 2.80 8.23 6.04
CA SER A 97 2.11 7.74 4.86
C SER A 97 1.63 8.86 3.96
N LEU A 98 1.37 8.53 2.71
CA LEU A 98 0.71 9.46 1.78
C LEU A 98 -0.69 9.92 2.27
N ARG A 99 -1.43 9.00 2.90
CA ARG A 99 -2.71 9.35 3.54
C ARG A 99 -2.57 10.47 4.59
N ASP A 100 -1.51 10.42 5.39
CA ASP A 100 -1.21 11.46 6.36
C ASP A 100 -0.65 12.73 5.70
N TYR A 101 0.26 12.52 4.76
CA TYR A 101 1.08 13.58 4.20
C TYR A 101 0.35 14.46 3.18
N LEU A 102 -0.36 13.86 2.23
CA LEU A 102 -1.00 14.62 1.13
C LEU A 102 -2.09 15.62 1.50
N PRO A 103 -2.88 15.34 2.57
CA PRO A 103 -3.86 16.36 2.97
C PRO A 103 -3.30 17.70 3.45
N ARG A 104 -2.03 17.74 3.86
CA ARG A 104 -1.44 18.97 4.38
C ARG A 104 -0.44 19.66 3.42
N HIS A 105 0.12 18.90 2.48
CA HIS A 105 1.09 19.42 1.52
C HIS A 105 0.50 19.43 0.13
N SER A 106 0.30 20.61 -0.44
CA SER A 106 -0.11 20.77 -1.84
C SER A 106 0.99 20.21 -2.73
N ILE A 107 0.76 19.02 -3.28
CA ILE A 107 1.70 18.35 -4.17
C ILE A 107 1.13 18.41 -5.59
N GLY A 108 1.94 18.83 -6.57
CA GLY A 108 1.54 18.93 -7.97
C GLY A 108 1.34 17.58 -8.66
N LEU A 109 0.72 17.61 -9.83
CA LEU A 109 0.37 16.40 -10.62
C LEU A 109 1.58 15.53 -10.97
N ALA A 110 2.66 16.14 -11.41
CA ALA A 110 3.86 15.42 -11.84
C ALA A 110 4.50 14.60 -10.72
N GLN A 111 4.64 15.23 -9.55
CA GLN A 111 5.15 14.54 -8.35
C GLN A 111 4.27 13.36 -7.94
N LEU A 112 2.96 13.54 -8.04
CA LEU A 112 2.02 12.46 -7.76
C LEU A 112 2.22 11.29 -8.72
N LEU A 113 2.49 11.60 -10.01
CA LEU A 113 2.75 10.54 -11.00
C LEU A 113 4.10 9.85 -10.77
N LEU A 114 5.08 10.60 -10.27
CA LEU A 114 6.35 9.99 -9.86
C LEU A 114 6.13 8.96 -8.77
N PHE A 115 5.38 9.33 -7.73
CA PHE A 115 5.02 8.40 -6.65
C PHE A 115 4.34 7.14 -7.20
N ALA A 116 3.38 7.34 -8.10
CA ALA A 116 2.68 6.27 -8.80
C ALA A 116 3.63 5.32 -9.54
N GLN A 117 4.54 5.89 -10.34
CA GLN A 117 5.62 5.12 -10.96
C GLN A 117 6.43 4.34 -9.93
N GLN A 118 6.82 5.01 -8.86
CA GLN A 118 7.65 4.37 -7.82
C GLN A 118 6.95 3.16 -7.15
N ILE A 119 5.65 3.29 -6.88
CA ILE A 119 4.81 2.19 -6.36
C ILE A 119 4.79 0.96 -7.27
N CYS A 120 4.58 1.20 -8.57
CA CYS A 120 4.61 0.13 -9.57
C CYS A 120 5.96 -0.59 -9.70
N GLU A 121 7.06 0.15 -9.54
CA GLU A 121 8.39 -0.45 -9.55
C GLU A 121 8.58 -1.38 -8.35
N GLY A 122 8.06 -0.98 -7.19
CA GLY A 122 8.15 -1.82 -5.99
C GLY A 122 7.24 -3.02 -6.11
N MET A 123 6.04 -2.78 -6.64
CA MET A 123 5.05 -3.86 -6.85
C MET A 123 5.50 -4.86 -7.92
N ALA A 124 6.12 -4.37 -9.00
CA ALA A 124 6.68 -5.26 -10.03
C ALA A 124 7.78 -6.14 -9.46
N TYR A 125 8.59 -5.59 -8.56
CA TYR A 125 9.59 -6.37 -7.82
C TYR A 125 8.94 -7.46 -6.97
N LEU A 126 7.94 -7.06 -6.17
CA LEU A 126 7.23 -7.96 -5.24
C LEU A 126 6.60 -9.16 -5.96
N HIS A 127 5.89 -8.88 -7.06
CA HIS A 127 5.31 -9.91 -7.90
C HIS A 127 6.33 -10.86 -8.49
N ALA A 128 7.47 -10.34 -8.95
CA ALA A 128 8.56 -11.16 -9.48
C ALA A 128 9.19 -12.09 -8.43
N GLN A 129 9.12 -11.70 -7.15
CA GLN A 129 9.46 -12.58 -6.02
C GLN A 129 8.33 -13.56 -5.64
N HIS A 130 7.22 -13.50 -6.37
CA HIS A 130 6.06 -14.37 -6.23
C HIS A 130 5.30 -14.13 -4.91
N TYR A 131 5.11 -12.84 -4.61
CA TYR A 131 4.31 -12.39 -3.48
C TYR A 131 3.22 -11.48 -3.99
N ILE A 132 2.07 -11.55 -3.34
CA ILE A 132 1.01 -10.55 -3.48
C ILE A 132 0.99 -9.72 -2.19
N HIS A 133 0.60 -8.46 -2.29
CA HIS A 133 0.59 -7.53 -1.15
C HIS A 133 -0.72 -7.64 -0.37
N ARG A 134 -1.84 -7.51 -1.08
CA ARG A 134 -3.24 -7.65 -0.55
C ARG A 134 -3.82 -6.47 0.24
N ASP A 135 -3.08 -5.39 0.37
CA ASP A 135 -3.60 -4.11 0.87
C ASP A 135 -2.80 -2.94 0.36
N LEU A 136 -2.70 -2.88 -0.97
CA LEU A 136 -2.06 -1.76 -1.60
C LEU A 136 -3.02 -0.57 -1.54
N ALA A 137 -2.71 0.36 -0.64
CA ALA A 137 -3.54 1.51 -0.36
C ALA A 137 -2.61 2.63 0.11
N ALA A 138 -3.05 3.87 -0.03
CA ALA A 138 -2.25 5.05 0.34
C ALA A 138 -1.74 5.07 1.79
N ARG A 139 -2.49 4.44 2.69
CA ARG A 139 -2.06 4.29 4.08
C ARG A 139 -0.81 3.40 4.24
N ASN A 140 -0.55 2.54 3.26
CA ASN A 140 0.62 1.65 3.27
C ASN A 140 1.77 2.08 2.35
N VAL A 141 1.70 3.30 1.83
CA VAL A 141 2.76 3.86 1.00
C VAL A 141 3.38 4.99 1.80
N LEU A 142 4.63 4.80 2.21
CA LEU A 142 5.35 5.73 3.07
C LEU A 142 6.28 6.63 2.25
N LEU A 143 6.49 7.85 2.73
CA LEU A 143 7.48 8.76 2.15
C LEU A 143 8.79 8.69 2.92
N ASP A 144 9.87 8.36 2.21
CA ASP A 144 11.24 8.42 2.76
C ASP A 144 11.69 9.86 2.65
N ASN A 145 11.49 10.43 1.45
CA ASN A 145 11.65 11.85 1.20
C ASN A 145 10.77 12.32 0.04
N ASP A 146 10.74 13.64 -0.17
CA ASP A 146 9.86 14.33 -1.14
C ASP A 146 9.71 13.67 -2.53
N ARG A 147 10.70 12.91 -2.97
CA ARG A 147 10.57 12.13 -4.20
C ARG A 147 11.05 10.69 -3.99
N LEU A 148 10.55 10.03 -2.94
CA LEU A 148 10.86 8.61 -2.69
C LEU A 148 9.82 7.88 -1.81
N VAL A 149 8.90 7.17 -2.46
CA VAL A 149 7.94 6.35 -1.75
C VAL A 149 8.57 5.01 -1.36
N LYS A 150 8.12 4.45 -0.25
CA LYS A 150 8.42 3.08 0.11
C LYS A 150 7.14 2.36 0.56
N ILE A 151 6.86 1.21 -0.04
CA ILE A 151 5.68 0.42 0.31
C ILE A 151 5.93 -0.23 1.68
N GLY A 152 4.94 -0.08 2.56
CA GLY A 152 4.95 -0.70 3.89
C GLY A 152 3.83 -1.71 4.06
N ASP A 153 3.72 -2.19 5.30
CA ASP A 153 2.73 -3.15 5.78
C ASP A 153 2.52 -4.38 4.87
N PHE A 154 3.30 -5.41 5.11
CA PHE A 154 3.19 -6.69 4.43
C PHE A 154 2.49 -7.71 5.32
N GLY A 155 1.58 -7.26 6.17
CA GLY A 155 0.87 -8.11 7.12
C GLY A 155 -0.14 -9.03 6.46
N LEU A 156 -0.76 -8.56 5.38
CA LEU A 156 -1.61 -9.39 4.54
C LEU A 156 -0.89 -10.06 3.36
N ALA A 157 0.39 -9.76 3.13
CA ALA A 157 1.14 -10.33 2.00
C ALA A 157 1.28 -11.85 2.07
N LYS A 158 1.13 -12.50 0.92
CA LYS A 158 1.18 -13.96 0.81
C LYS A 158 2.06 -14.40 -0.37
N ALA A 159 2.64 -15.60 -0.24
CA ALA A 159 3.37 -16.25 -1.33
C ALA A 159 2.39 -16.96 -2.27
N VAL A 160 2.45 -16.66 -3.57
CA VAL A 160 1.59 -17.32 -4.56
C VAL A 160 2.09 -18.78 -4.73
N PRO A 161 1.18 -19.79 -4.57
CA PRO A 161 1.59 -21.20 -4.70
C PRO A 161 2.02 -21.58 -6.11
N HIS A 164 0.57 -22.03 -9.07
CA HIS A 164 -0.76 -21.42 -9.19
C HIS A 164 -0.70 -19.97 -9.69
N GLU A 165 -1.86 -19.45 -10.08
CA GLU A 165 -2.03 -18.05 -10.54
C GLU A 165 -2.53 -17.11 -9.42
N PTR A 166 -3.00 -17.67 -8.31
CA PTR A 166 -3.65 -16.92 -7.23
C PTR A 166 -3.52 -17.60 -5.89
O PTR A 166 -3.14 -18.77 -5.80
CB PTR A 166 -5.14 -16.78 -7.56
CG PTR A 166 -5.81 -18.13 -7.77
CD1 PTR A 166 -6.37 -18.82 -6.68
CD2 PTR A 166 -5.89 -18.70 -9.04
CE1 PTR A 166 -7.00 -20.06 -6.88
CE2 PTR A 166 -6.50 -19.94 -9.23
CZ PTR A 166 -7.06 -20.62 -8.15
OH PTR A 166 -7.67 -21.84 -8.33
P PTR A 166 -6.91 -23.22 -8.00
O1P PTR A 166 -5.60 -23.14 -8.76
O2P PTR A 166 -7.86 -24.27 -8.52
O3P PTR A 166 -6.76 -23.21 -6.49
N PTR A 167 -3.86 -16.85 -4.84
CA PTR A 167 -3.95 -17.36 -3.46
C PTR A 167 -5.39 -17.32 -3.04
O PTR A 167 -6.07 -16.33 -3.28
CB PTR A 167 -3.09 -16.49 -2.54
CG PTR A 167 -3.08 -16.96 -1.10
CD1 PTR A 167 -2.21 -17.98 -0.68
CD2 PTR A 167 -3.94 -16.38 -0.16
CE1 PTR A 167 -2.21 -18.41 0.65
CE2 PTR A 167 -3.95 -16.81 1.16
CZ PTR A 167 -3.08 -17.83 1.60
OH PTR A 167 -3.16 -18.19 2.93
P PTR A 167 -2.18 -19.19 3.73
O1P PTR A 167 -0.77 -18.66 3.51
O2P PTR A 167 -2.43 -20.54 3.11
O3P PTR A 167 -2.65 -19.06 5.15
N ARG A 168 -5.86 -18.40 -2.40
CA ARG A 168 -7.23 -18.51 -1.86
C ARG A 168 -7.33 -17.81 -0.50
N VAL A 169 -8.11 -16.72 -0.44
CA VAL A 169 -8.19 -15.88 0.77
C VAL A 169 -9.27 -16.35 1.74
N SER A 175 -10.36 -7.33 5.92
CA SER A 175 -10.31 -7.29 4.46
C SER A 175 -10.69 -5.90 3.98
N PRO A 176 -9.78 -5.18 3.31
CA PRO A 176 -10.10 -3.84 2.85
C PRO A 176 -10.86 -3.87 1.53
N VAL A 177 -12.17 -4.13 1.62
CA VAL A 177 -13.01 -4.39 0.44
C VAL A 177 -13.11 -3.23 -0.57
N PHE A 178 -13.01 -1.97 -0.09
CA PHE A 178 -13.12 -0.83 -1.00
C PHE A 178 -11.89 -0.65 -1.92
N TRP A 179 -10.82 -1.43 -1.69
CA TRP A 179 -9.63 -1.50 -2.57
C TRP A 179 -9.58 -2.81 -3.37
N TYR A 180 -10.62 -3.63 -3.33
CA TYR A 180 -10.57 -5.03 -3.82
C TYR A 180 -11.34 -5.25 -5.10
N ALA A 181 -10.72 -6.01 -6.00
CA ALA A 181 -11.34 -6.38 -7.27
C ALA A 181 -12.51 -7.35 -7.05
N PRO A 182 -13.48 -7.40 -7.99
CA PRO A 182 -14.64 -8.27 -7.90
C PRO A 182 -14.34 -9.74 -7.62
N GLU A 183 -13.27 -10.26 -8.21
CA GLU A 183 -12.85 -11.65 -7.97
C GLU A 183 -12.46 -11.94 -6.51
N CYS A 184 -11.95 -10.94 -5.81
CA CYS A 184 -11.59 -11.08 -4.39
C CYS A 184 -12.87 -11.09 -3.54
N LEU A 185 -13.74 -10.13 -3.82
CA LEU A 185 -15.03 -9.98 -3.17
C LEU A 185 -15.97 -11.17 -3.39
N LYS A 186 -15.98 -11.72 -4.61
CA LYS A 186 -16.92 -12.76 -5.03
C LYS A 186 -16.35 -14.15 -4.80
N GLU A 187 -15.19 -14.43 -5.41
CA GLU A 187 -14.65 -15.79 -5.51
C GLU A 187 -13.57 -16.13 -4.49
N TYR A 188 -13.15 -15.16 -3.67
CA TYR A 188 -12.06 -15.35 -2.71
C TYR A 188 -10.78 -15.91 -3.38
N LYS A 189 -10.40 -15.27 -4.48
CA LYS A 189 -9.18 -15.57 -5.21
C LYS A 189 -8.41 -14.27 -5.44
N PHE A 190 -7.22 -14.19 -4.87
CA PHE A 190 -6.39 -13.00 -5.02
C PHE A 190 -5.29 -13.29 -6.03
N TYR A 191 -5.35 -12.57 -7.16
CA TYR A 191 -4.40 -12.73 -8.27
C TYR A 191 -3.37 -11.62 -8.21
N TYR A 192 -2.29 -11.77 -8.96
CA TYR A 192 -1.39 -10.66 -9.21
C TYR A 192 -2.17 -9.43 -9.73
N ALA A 193 -3.09 -9.67 -10.65
CA ALA A 193 -3.96 -8.62 -11.20
C ALA A 193 -4.89 -7.96 -10.17
N SER A 194 -5.22 -8.65 -9.10
CA SER A 194 -5.97 -8.05 -7.98
C SER A 194 -5.19 -6.87 -7.33
N ASP A 195 -3.88 -7.03 -7.17
CA ASP A 195 -3.02 -5.93 -6.69
C ASP A 195 -3.03 -4.70 -7.63
N VAL A 196 -3.16 -4.94 -8.94
CA VAL A 196 -3.21 -3.86 -9.92
C VAL A 196 -4.51 -3.08 -9.76
N TRP A 197 -5.63 -3.78 -9.54
CA TRP A 197 -6.90 -3.10 -9.20
C TRP A 197 -6.70 -2.16 -8.02
N SER A 198 -6.12 -2.71 -6.95
CA SER A 198 -5.78 -1.94 -5.74
C SER A 198 -4.89 -0.73 -6.03
N PHE A 199 -3.90 -0.90 -6.91
CA PHE A 199 -3.07 0.22 -7.35
C PHE A 199 -3.90 1.31 -8.00
N GLY A 200 -4.82 0.91 -8.87
CA GLY A 200 -5.84 1.82 -9.44
C GLY A 200 -6.53 2.68 -8.39
N VAL A 201 -6.96 2.04 -7.29
CA VAL A 201 -7.61 2.74 -6.18
C VAL A 201 -6.61 3.67 -5.50
N THR A 202 -5.39 3.18 -5.28
CA THR A 202 -4.34 4.00 -4.69
C THR A 202 -4.05 5.22 -5.56
N LEU A 203 -4.09 5.05 -6.90
CA LEU A 203 -3.86 6.15 -7.81
C LEU A 203 -4.99 7.18 -7.70
N TYR A 204 -6.22 6.69 -7.55
CA TYR A 204 -7.37 7.55 -7.25
C TYR A 204 -7.16 8.38 -5.96
N GLU A 205 -6.69 7.72 -4.90
CA GLU A 205 -6.37 8.43 -3.64
C GLU A 205 -5.32 9.53 -3.80
N LEU A 206 -4.25 9.23 -4.54
CA LEU A 206 -3.20 10.24 -4.74
C LEU A 206 -3.76 11.45 -5.46
N LEU A 207 -4.51 11.23 -6.53
CA LEU A 207 -5.09 12.33 -7.31
C LEU A 207 -6.19 13.16 -6.62
N THR A 208 -6.80 12.62 -5.56
CA THR A 208 -7.70 13.41 -4.67
C THR A 208 -6.97 14.04 -3.48
N HIS A 209 -5.65 13.80 -3.40
CA HIS A 209 -4.78 14.29 -2.32
C HIS A 209 -5.14 13.60 -0.99
N CYS A 210 -5.55 12.34 -1.09
CA CYS A 210 -6.08 11.56 0.03
C CYS A 210 -7.09 12.36 0.87
N ASP A 211 -8.01 13.04 0.19
CA ASP A 211 -9.06 13.81 0.89
C ASP A 211 -10.07 12.81 1.46
N SER A 212 -10.30 12.87 2.78
CA SER A 212 -11.28 12.00 3.47
C SER A 212 -12.64 11.98 2.79
N SER A 213 -13.14 13.16 2.46
CA SER A 213 -14.44 13.33 1.84
C SER A 213 -14.56 12.70 0.43
N GLN A 214 -13.43 12.48 -0.25
CA GLN A 214 -13.42 11.79 -1.55
C GLN A 214 -12.85 10.37 -1.46
N SER A 215 -12.71 9.80 -0.26
CA SER A 215 -12.06 8.48 -0.10
C SER A 215 -12.92 7.34 -0.69
N PRO A 216 -12.28 6.20 -1.05
CA PRO A 216 -13.07 5.07 -1.58
C PRO A 216 -14.19 4.60 -0.64
N PRO A 217 -13.94 4.46 0.67
CA PRO A 217 -15.09 4.12 1.51
C PRO A 217 -16.21 5.18 1.49
N THR A 218 -15.86 6.45 1.60
CA THR A 218 -16.85 7.52 1.54
C THR A 218 -17.64 7.49 0.24
N LYS A 219 -16.94 7.41 -0.90
CA LYS A 219 -17.60 7.46 -2.21
C LYS A 219 -18.44 6.23 -2.50
N PHE A 220 -17.90 5.04 -2.22
CA PHE A 220 -18.65 3.79 -2.43
C PHE A 220 -19.87 3.70 -1.54
N LEU A 221 -19.76 4.13 -0.28
CA LEU A 221 -20.92 4.11 0.62
C LEU A 221 -21.96 5.17 0.25
N GLU A 222 -21.57 6.27 -0.38
CA GLU A 222 -22.54 7.19 -1.01
C GLU A 222 -23.35 6.44 -2.09
N LEU A 223 -22.66 5.72 -2.97
CA LEU A 223 -23.33 4.94 -4.03
C LEU A 223 -24.20 3.80 -3.49
N ILE A 224 -23.73 3.11 -2.46
CA ILE A 224 -24.44 1.96 -1.89
C ILE A 224 -25.48 2.40 -0.86
N GLY A 225 -25.12 3.38 -0.04
CA GLY A 225 -25.93 3.77 1.11
C GLY A 225 -25.72 2.82 2.27
N ILE A 226 -26.30 3.15 3.41
CA ILE A 226 -26.07 2.42 4.66
C ILE A 226 -27.36 1.91 5.31
N ALA A 227 -28.44 1.90 4.54
CA ALA A 227 -29.73 1.40 4.98
C ALA A 227 -29.72 -0.10 5.21
N GLN A 228 -28.84 -0.81 4.50
CA GLN A 228 -28.69 -2.26 4.59
C GLN A 228 -27.20 -2.62 4.63
N GLY A 229 -26.61 -2.47 5.82
CA GLY A 229 -25.21 -2.77 6.09
C GLY A 229 -24.77 -4.23 6.04
N GLN A 230 -25.69 -5.17 6.27
CA GLN A 230 -25.36 -6.61 6.09
C GLN A 230 -24.93 -7.00 4.65
N MET A 231 -25.39 -6.23 3.67
CA MET A 231 -25.08 -6.53 2.27
C MET A 231 -24.22 -5.47 1.58
N THR A 232 -23.24 -4.94 2.32
CA THR A 232 -22.34 -3.94 1.77
C THR A 232 -21.52 -4.56 0.65
N VAL A 233 -20.96 -5.74 0.91
CA VAL A 233 -20.04 -6.41 -0.03
C VAL A 233 -20.81 -6.87 -1.27
N LEU A 234 -22.02 -7.41 -1.07
CA LEU A 234 -22.88 -7.81 -2.17
C LEU A 234 -23.19 -6.62 -3.07
N ARG A 235 -23.64 -5.51 -2.48
CA ARG A 235 -24.00 -4.33 -3.26
C ARG A 235 -22.78 -3.70 -3.95
N LEU A 236 -21.61 -3.77 -3.29
CA LEU A 236 -20.38 -3.29 -3.88
C LEU A 236 -20.01 -4.15 -5.10
N THR A 237 -20.02 -5.47 -4.93
CA THR A 237 -19.77 -6.41 -6.01
C THR A 237 -20.68 -6.11 -7.20
N GLU A 238 -21.99 -5.99 -6.94
CA GLU A 238 -22.96 -5.74 -7.98
C GLU A 238 -22.73 -4.44 -8.77
N LEU A 239 -22.38 -3.34 -8.09
CA LEU A 239 -22.17 -2.06 -8.80
C LEU A 239 -20.92 -2.10 -9.68
N LEU A 240 -19.86 -2.72 -9.16
CA LEU A 240 -18.63 -2.95 -9.91
C LEU A 240 -18.87 -3.82 -11.15
N GLU A 241 -19.59 -4.91 -11.01
CA GLU A 241 -19.98 -5.75 -12.16
C GLU A 241 -20.93 -5.07 -13.15
N ARG A 242 -21.76 -4.13 -12.68
CA ARG A 242 -22.50 -3.22 -13.56
C ARG A 242 -21.61 -2.24 -14.34
N GLY A 243 -20.36 -2.05 -13.90
CA GLY A 243 -19.40 -1.17 -14.57
C GLY A 243 -19.27 0.21 -13.93
N GLU A 244 -19.88 0.41 -12.76
CA GLU A 244 -19.76 1.66 -12.02
C GLU A 244 -18.40 1.71 -11.34
N ARG A 245 -17.85 2.92 -11.31
CA ARG A 245 -16.50 3.13 -10.83
C ARG A 245 -16.46 4.43 -10.04
N LEU A 246 -15.39 4.57 -9.27
CA LEU A 246 -15.09 5.83 -8.60
C LEU A 246 -14.98 6.96 -9.63
N PRO A 247 -15.43 8.17 -9.27
CA PRO A 247 -15.43 9.27 -10.25
C PRO A 247 -14.02 9.74 -10.62
N ARG A 248 -13.94 10.62 -11.61
CA ARG A 248 -12.65 11.23 -11.97
C ARG A 248 -12.31 12.29 -10.91
N PRO A 249 -11.10 12.22 -10.30
CA PRO A 249 -10.73 13.28 -9.36
C PRO A 249 -10.62 14.65 -10.04
N ASP A 250 -10.91 15.71 -9.29
CA ASP A 250 -10.80 17.08 -9.81
C ASP A 250 -9.37 17.33 -10.29
N LYS A 251 -9.26 17.98 -11.45
CA LYS A 251 -7.96 18.27 -12.10
C LYS A 251 -7.14 17.02 -12.52
N CYS A 252 -7.75 15.82 -12.49
CA CYS A 252 -7.09 14.62 -13.01
C CYS A 252 -7.23 14.67 -14.51
N PRO A 253 -6.10 14.54 -15.26
CA PRO A 253 -6.25 14.47 -16.71
C PRO A 253 -6.95 13.18 -17.18
N CYS A 254 -7.70 13.29 -18.26
CA CYS A 254 -8.48 12.20 -18.84
C CYS A 254 -7.63 10.95 -19.10
N GLU A 255 -6.45 11.17 -19.66
CA GLU A 255 -5.46 10.13 -19.95
C GLU A 255 -5.18 9.26 -18.73
N VAL A 256 -5.01 9.93 -17.60
CA VAL A 256 -4.66 9.30 -16.34
C VAL A 256 -5.86 8.52 -15.80
N TYR A 257 -7.06 9.11 -15.88
CA TYR A 257 -8.28 8.43 -15.44
C TYR A 257 -8.56 7.14 -16.25
N HIS A 258 -8.25 7.18 -17.55
CA HIS A 258 -8.34 5.99 -18.40
C HIS A 258 -7.40 4.90 -17.88
N LEU A 259 -6.19 5.29 -17.50
CA LEU A 259 -5.25 4.35 -16.90
C LEU A 259 -5.83 3.71 -15.62
N MET A 260 -6.44 4.54 -14.78
CA MET A 260 -7.20 4.07 -13.59
C MET A 260 -8.25 3.04 -14.00
N LYS A 261 -9.11 3.43 -14.95
CA LYS A 261 -10.15 2.51 -15.44
C LYS A 261 -9.58 1.22 -16.02
N ASN A 262 -8.41 1.30 -16.67
CA ASN A 262 -7.71 0.10 -17.19
C ASN A 262 -7.25 -0.86 -16.07
N CYS A 263 -6.82 -0.29 -14.95
CA CYS A 263 -6.52 -1.03 -13.74
C CYS A 263 -7.76 -1.63 -13.09
N TRP A 264 -8.91 -0.99 -13.30
CA TRP A 264 -10.22 -1.48 -12.83
C TRP A 264 -11.03 -2.21 -13.91
N GLU A 265 -10.36 -2.92 -14.81
CA GLU A 265 -11.11 -3.79 -15.73
C GLU A 265 -11.74 -4.92 -14.86
N THR A 266 -13.00 -5.25 -15.13
CA THR A 266 -13.73 -6.30 -14.42
C THR A 266 -13.06 -7.67 -14.61
N GLU A 267 -12.73 -7.98 -15.85
CA GLU A 267 -11.91 -9.16 -16.17
C GLU A 267 -10.45 -8.93 -15.83
N ALA A 268 -9.92 -9.75 -14.91
CA ALA A 268 -8.54 -9.61 -14.38
C ALA A 268 -7.44 -9.68 -15.44
N SER A 269 -7.61 -10.54 -16.43
CA SER A 269 -6.63 -10.71 -17.51
C SER A 269 -6.51 -9.53 -18.48
N PHE A 270 -7.50 -8.62 -18.48
CA PHE A 270 -7.48 -7.40 -19.30
C PHE A 270 -6.76 -6.23 -18.61
N ARG A 271 -6.38 -6.40 -17.34
CA ARG A 271 -5.65 -5.39 -16.60
C ARG A 271 -4.17 -5.48 -16.97
N PRO A 272 -3.47 -4.32 -17.02
CA PRO A 272 -2.04 -4.34 -17.31
C PRO A 272 -1.29 -4.89 -16.09
N THR A 273 -0.14 -5.49 -16.30
CA THR A 273 0.75 -5.84 -15.19
C THR A 273 1.47 -4.57 -14.72
N PHE A 274 2.15 -4.68 -13.57
CA PHE A 274 2.97 -3.58 -13.07
C PHE A 274 4.19 -3.33 -13.97
N GLU A 275 4.72 -4.38 -14.60
CA GLU A 275 5.76 -4.19 -15.62
C GLU A 275 5.22 -3.34 -16.77
N ASN A 276 4.00 -3.60 -17.24
CA ASN A 276 3.40 -2.77 -18.30
C ASN A 276 3.23 -1.30 -17.91
N LEU A 277 2.89 -1.05 -16.64
CA LEU A 277 2.55 0.30 -16.16
C LEU A 277 3.75 1.22 -16.04
N ILE A 278 4.90 0.65 -15.68
CA ILE A 278 6.11 1.43 -15.41
C ILE A 278 6.49 2.37 -16.56
N PRO A 279 6.71 1.86 -17.79
CA PRO A 279 7.05 2.80 -18.86
C PRO A 279 5.92 3.77 -19.23
N ILE A 280 4.68 3.35 -19.06
CA ILE A 280 3.53 4.23 -19.28
C ILE A 280 3.58 5.40 -18.29
N LEU A 281 3.77 5.10 -17.01
CA LEU A 281 3.84 6.15 -15.98
C LEU A 281 5.06 7.06 -16.15
N LYS A 282 6.20 6.49 -16.55
CA LYS A 282 7.41 7.26 -16.90
C LYS A 282 7.12 8.35 -17.92
N THR A 283 6.37 7.97 -18.94
CA THR A 283 6.04 8.86 -20.04
C THR A 283 4.99 9.90 -19.64
N VAL A 284 4.01 9.49 -18.86
CA VAL A 284 3.00 10.41 -18.35
C VAL A 284 3.62 11.38 -17.31
N HIS A 285 4.51 10.86 -16.46
CA HIS A 285 5.30 11.70 -15.55
C HIS A 285 6.06 12.79 -16.30
N GLU A 286 6.76 12.40 -17.37
CA GLU A 286 7.55 13.33 -18.18
C GLU A 286 6.74 14.41 -18.90
N LYS A 287 5.50 14.09 -19.29
CA LYS A 287 4.58 15.03 -19.93
C LYS A 287 4.22 16.22 -19.04
N TYR A 288 3.74 15.93 -17.83
CA TYR A 288 3.25 16.98 -16.90
C TYR A 288 4.35 17.68 -16.06
N GLN A 289 5.57 17.16 -16.09
CA GLN A 289 6.72 17.76 -15.38
C GLN A 289 7.10 19.15 -15.90
C2 OV0 B . 2.94 10.10 12.55
C3 OV0 B . 3.63 8.98 11.88
C4 OV0 B . 4.85 9.20 11.22
C5 OV0 B . 5.51 8.16 10.61
C6 OV0 B . 4.99 6.85 10.61
C8 OV0 B . 5.40 4.51 9.70
C12 OV0 B . 6.16 2.22 9.27
C15 OV0 B . 7.88 3.73 9.64
C17 OV0 B . 6.44 3.57 9.55
C18 OV0 B . 2.51 2.17 9.11
C19 OV0 B . 2.10 1.59 7.90
C21 OV0 B . 0.80 1.14 7.77
C23 OV0 B . 0.28 1.84 10.02
C24 OV0 B . 1.58 2.29 10.17
C27 OV0 B . 3.11 7.68 11.90
C32 OV0 B . 0.91 11.47 13.08
C33 OV0 B . -0.72 10.40 11.78
C34 OV0 B . -0.19 11.82 12.08
O1 OV0 B . 3.62 10.82 13.27
N7 OV0 B . 5.72 5.85 9.95
C9 OV0 B . 4.09 4.00 9.52
C10 OV0 B . 3.89 2.64 9.26
N11 OV0 B . 4.92 1.80 9.14
C13 OV0 B . 7.49 1.51 9.19
N14 OV0 B . 8.50 2.55 9.43
O16 OV0 B . 8.42 4.80 9.87
F20 OV0 B . 2.98 1.47 6.87
C22 OV0 B . -0.12 1.25 8.81
F25 OV0 B . 1.95 2.86 11.36
C26 OV0 B . 3.77 6.64 11.27
N28 OV0 B . 1.62 10.35 12.43
C29 OV0 B . 0.62 9.64 11.62
S SO4 C . 11.54 13.37 14.34
O1 SO4 C . 12.08 14.59 13.69
O2 SO4 C . 10.20 13.07 13.80
O3 SO4 C . 11.47 13.58 15.81
O4 SO4 C . 12.47 12.24 14.06
#